data_5QGQ
#
_entry.id   5QGQ
#
_cell.length_a   126.381
_cell.length_b   126.381
_cell.length_c   41.683
_cell.angle_alpha   90.000
_cell.angle_beta   90.000
_cell.angle_gamma   120.000
#
_symmetry.space_group_name_H-M   'P 3 2 1'
#
loop_
_entity.id
_entity.type
_entity.pdbx_description
1 polymer 'Peroxisomal coenzyme A diphosphatase NUDT7'
2 non-polymer 'ACETATE ION'
3 non-polymer 'DIMETHYL SULFOXIDE'
4 non-polymer 3-methyl-2-[(pyridin-3-yl)oxy]cyclopenta-2,4-dien-1-one
5 water water
#
_entity_poly.entity_id   1
_entity_poly.type   'polypeptide(L)'
_entity_poly.pdbx_seq_one_letter_code
;SMLDDAKARLRKYDIGGKYSHLPYNKYSVLLPLVAKEGKLHLLFTVRSEKLRRAPGEVCFPGGKRDPTDMDDAATALREA
QEEVGLR(HYP)HQVEVV(CSO)CLVPCLIDTDTLITPFVGLIDHNFQAQPNPAEVKDVFLVPLAYFLHPQVHDQHYVTR
LGHRFINHIFEYTNPEDGVTYQIKGMTANLAVLVAFIILEKKPT
;
_entity_poly.pdbx_strand_id   A
#
# COMPACT_ATOMS: atom_id res chain seq x y z
N SER A 1 -17.76 -11.78 -8.81
CA SER A 1 -17.92 -10.50 -8.07
C SER A 1 -16.65 -9.64 -8.27
N MET A 2 -16.76 -8.33 -8.00
CA MET A 2 -15.64 -7.37 -7.94
C MET A 2 -14.44 -7.85 -7.09
N LEU A 3 -14.72 -8.45 -5.93
CA LEU A 3 -13.61 -8.81 -5.02
C LEU A 3 -12.92 -10.13 -5.41
N ASP A 4 -13.70 -11.04 -5.94
CA ASP A 4 -13.18 -12.31 -6.42
C ASP A 4 -12.40 -12.15 -7.69
N ASP A 5 -12.87 -11.21 -8.51
CA ASP A 5 -12.21 -10.82 -9.71
C ASP A 5 -10.82 -10.22 -9.39
N ALA A 6 -10.77 -9.33 -8.41
CA ALA A 6 -9.50 -8.72 -7.95
C ALA A 6 -8.46 -9.71 -7.44
N LYS A 7 -8.87 -10.59 -6.50
CA LYS A 7 -7.95 -11.60 -5.96
C LYS A 7 -7.42 -12.55 -7.08
N ALA A 8 -8.31 -12.96 -7.97
CA ALA A 8 -7.92 -13.86 -9.09
C ALA A 8 -6.86 -13.18 -10.05
N ARG A 9 -7.00 -11.90 -10.34
N ARG A 9 -7.02 -11.89 -10.34
CA ARG A 9 -6.00 -11.19 -11.12
CA ARG A 9 -6.03 -11.12 -11.09
C ARG A 9 -4.68 -11.06 -10.35
C ARG A 9 -4.70 -11.08 -10.35
N LEU A 10 -4.77 -10.69 -9.07
CA LEU A 10 -3.59 -10.54 -8.20
C LEU A 10 -2.79 -11.81 -8.04
N ARG A 11 -3.45 -12.95 -7.95
CA ARG A 11 -2.72 -14.20 -7.77
C ARG A 11 -1.76 -14.56 -8.93
N LYS A 12 -2.08 -14.13 -10.15
CA LYS A 12 -1.24 -14.38 -11.31
C LYS A 12 0.11 -13.66 -11.27
N TYR A 13 0.29 -12.65 -10.39
CA TYR A 13 1.52 -11.92 -10.24
C TYR A 13 2.30 -12.22 -8.95
N ASP A 14 1.84 -13.18 -8.15
CA ASP A 14 2.39 -13.54 -6.83
C ASP A 14 3.78 -14.16 -7.09
N ILE A 15 4.85 -13.63 -6.52
N ILE A 15 4.83 -13.53 -6.53
CA ILE A 15 6.08 -14.37 -6.63
CA ILE A 15 6.18 -14.08 -6.49
C ILE A 15 6.35 -15.22 -5.40
C ILE A 15 6.33 -15.19 -5.42
N GLY A 16 5.47 -15.17 -4.41
CA GLY A 16 5.62 -16.01 -3.19
C GLY A 16 6.91 -15.72 -2.38
N GLY A 17 7.56 -16.80 -1.90
CA GLY A 17 8.78 -16.71 -1.08
C GLY A 17 10.14 -16.76 -1.79
N LYS A 18 10.09 -16.83 -3.12
CA LYS A 18 11.26 -16.89 -4.01
C LYS A 18 12.46 -15.99 -3.58
N TYR A 19 12.23 -14.71 -3.29
CA TYR A 19 13.31 -13.76 -2.91
C TYR A 19 13.44 -13.47 -1.37
N SER A 20 12.65 -14.17 -0.56
CA SER A 20 12.55 -13.84 0.89
C SER A 20 13.77 -14.23 1.80
N HIS A 21 14.63 -15.14 1.37
N HIS A 21 14.62 -15.16 1.39
CA HIS A 21 15.74 -15.59 2.21
CA HIS A 21 15.75 -15.59 2.24
C HIS A 21 17.07 -14.92 1.92
C HIS A 21 17.06 -14.84 1.97
N LEU A 22 17.13 -14.09 0.89
CA LEU A 22 18.38 -13.35 0.51
C LEU A 22 18.87 -12.39 1.60
N PRO A 23 20.20 -12.24 1.73
CA PRO A 23 20.73 -11.55 2.98
C PRO A 23 20.69 -10.03 2.96
N TYR A 24 19.48 -9.46 2.89
CA TYR A 24 19.31 -8.02 2.84
C TYR A 24 18.93 -7.45 4.22
N ASN A 25 19.06 -6.15 4.39
CA ASN A 25 18.24 -5.35 5.34
C ASN A 25 16.78 -5.40 4.81
N LYS A 26 15.86 -5.95 5.59
CA LYS A 26 14.51 -6.33 5.11
C LYS A 26 13.37 -5.46 5.67
N TYR A 27 12.55 -4.90 4.75
CA TYR A 27 11.29 -4.13 5.12
C TYR A 27 10.15 -4.71 4.34
N SER A 28 8.93 -4.69 4.93
CA SER A 28 7.70 -5.00 4.23
C SER A 28 6.71 -3.80 4.26
N VAL A 29 5.88 -3.76 3.21
CA VAL A 29 4.71 -2.84 3.11
C VAL A 29 3.41 -3.59 2.82
N LEU A 30 2.27 -3.05 3.37
CA LEU A 30 0.96 -3.57 3.05
C LEU A 30 0.24 -2.62 2.09
N LEU A 31 -0.25 -3.12 0.96
N LEU A 31 -0.22 -3.11 0.94
CA LEU A 31 -1.04 -2.35 0.02
CA LEU A 31 -1.06 -2.33 0.03
C LEU A 31 -2.52 -2.68 0.32
C LEU A 31 -2.53 -2.69 0.33
N PRO A 32 -3.22 -1.84 1.11
CA PRO A 32 -4.55 -2.22 1.66
C PRO A 32 -5.70 -1.85 0.69
N LEU A 33 -6.38 -2.84 0.16
CA LEU A 33 -7.48 -2.64 -0.81
C LEU A 33 -8.83 -2.54 -0.05
N VAL A 34 -9.57 -1.46 -0.24
N VAL A 34 -9.57 -1.46 -0.24
CA VAL A 34 -10.84 -1.21 0.46
CA VAL A 34 -10.84 -1.21 0.46
C VAL A 34 -11.95 -1.08 -0.58
C VAL A 34 -11.95 -1.08 -0.58
N ALA A 35 -13.08 -1.76 -0.39
N ALA A 35 -13.08 -1.76 -0.39
CA ALA A 35 -14.23 -1.55 -1.27
CA ALA A 35 -14.23 -1.55 -1.27
C ALA A 35 -15.17 -0.52 -0.68
C ALA A 35 -15.17 -0.52 -0.68
N LYS A 36 -15.53 0.49 -1.45
N LYS A 36 -15.53 0.49 -1.45
CA LYS A 36 -16.42 1.54 -0.98
CA LYS A 36 -16.42 1.54 -0.98
C LYS A 36 -17.27 2.08 -2.13
C LYS A 36 -17.27 2.08 -2.13
N GLU A 37 -18.57 2.19 -1.88
N GLU A 37 -18.57 2.19 -1.88
CA GLU A 37 -19.49 2.75 -2.84
CA GLU A 37 -19.49 2.75 -2.84
C GLU A 37 -19.35 2.15 -4.21
C GLU A 37 -19.35 2.15 -4.21
N GLY A 38 -19.25 0.83 -4.25
CA GLY A 38 -19.17 0.08 -5.48
C GLY A 38 -17.79 -0.02 -6.17
N LYS A 39 -16.73 0.58 -5.60
CA LYS A 39 -15.39 0.67 -6.27
C LYS A 39 -14.25 0.34 -5.30
N LEU A 40 -13.10 -0.03 -5.85
CA LEU A 40 -11.90 -0.36 -5.04
C LEU A 40 -11.07 0.92 -4.83
N HIS A 41 -10.47 1.02 -3.64
CA HIS A 41 -9.67 2.15 -3.19
C HIS A 41 -8.35 1.57 -2.56
N LEU A 42 -7.28 2.35 -2.54
CA LEU A 42 -6.11 2.04 -1.71
C LEU A 42 -6.08 2.97 -0.52
N LEU A 43 -5.66 2.43 0.62
CA LEU A 43 -5.46 3.19 1.86
C LEU A 43 -3.98 3.60 2.01
N PHE A 44 -3.78 4.90 2.24
CA PHE A 44 -2.48 5.49 2.47
C PHE A 44 -2.36 6.15 3.82
N THR A 45 -1.10 6.31 4.25
CA THR A 45 -0.77 7.08 5.49
C THR A 45 0.04 8.29 5.13
N VAL A 46 -0.08 9.33 5.97
CA VAL A 46 0.84 10.42 6.01
C VAL A 46 1.73 10.21 7.26
N ARG A 47 3.04 10.20 7.03
CA ARG A 47 3.97 9.92 8.14
C ARG A 47 4.07 11.13 9.09
N SER A 48 4.19 10.85 10.38
CA SER A 48 4.36 11.90 11.37
C SER A 48 5.58 12.76 11.07
N GLU A 49 5.44 14.05 11.34
CA GLU A 49 6.59 15.01 11.29
C GLU A 49 7.79 14.63 12.24
N LYS A 50 7.58 13.75 13.24
CA LYS A 50 8.62 13.34 14.23
C LYS A 50 9.62 12.27 13.79
N LEU A 51 9.31 11.53 12.74
CA LEU A 51 10.11 10.37 12.39
C LEU A 51 11.43 10.78 11.70
N ARG A 52 12.50 10.02 11.96
CA ARG A 52 13.80 10.25 11.27
C ARG A 52 13.65 9.99 9.76
N ARG A 53 13.16 8.80 9.40
CA ARG A 53 12.97 8.43 7.98
C ARG A 53 11.68 9.07 7.41
N ALA A 54 11.86 10.19 6.69
CA ALA A 54 10.87 10.74 5.74
C ALA A 54 9.61 11.32 6.39
N PRO A 55 9.77 12.37 7.24
CA PRO A 55 8.64 12.91 7.95
C PRO A 55 7.70 13.55 6.96
N GLY A 56 6.40 13.53 7.24
CA GLY A 56 5.41 14.16 6.38
C GLY A 56 5.06 13.55 5.02
N GLU A 57 5.71 12.44 4.62
CA GLU A 57 5.51 11.84 3.26
C GLU A 57 4.29 10.88 3.26
N VAL A 58 3.71 10.67 2.08
CA VAL A 58 2.66 9.66 1.87
C VAL A 58 3.36 8.30 1.68
N CYS A 59 2.94 7.27 2.42
N CYS A 59 2.92 7.27 2.42
CA CYS A 59 3.43 5.92 2.26
CA CYS A 59 3.40 5.91 2.33
C CYS A 59 2.36 4.90 2.65
C CYS A 59 2.28 4.92 2.55
N PHE A 60 2.55 3.67 2.17
CA PHE A 60 1.78 2.53 2.63
C PHE A 60 2.20 2.14 4.06
N PRO A 61 1.27 1.56 4.84
CA PRO A 61 1.70 1.03 6.14
C PRO A 61 2.86 0.00 5.96
N GLY A 62 3.80 -0.02 6.90
CA GLY A 62 4.90 -1.02 6.80
C GLY A 62 6.08 -0.60 7.67
N GLY A 63 7.16 -1.38 7.59
CA GLY A 63 8.39 -1.10 8.29
C GLY A 63 9.37 -2.25 8.30
N LYS A 64 10.32 -2.18 9.24
CA LYS A 64 11.48 -3.12 9.31
C LYS A 64 11.15 -4.45 9.96
N ARG A 65 11.54 -5.56 9.36
CA ARG A 65 11.37 -6.86 9.96
C ARG A 65 12.10 -6.92 11.32
N ASP A 66 11.54 -7.69 12.25
CA ASP A 66 12.19 -7.89 13.55
C ASP A 66 12.24 -9.35 13.88
N PRO A 67 13.02 -9.76 14.97
CA PRO A 67 13.16 -11.17 15.23
C PRO A 67 11.88 -11.91 15.54
N THR A 68 10.81 -11.22 15.97
CA THR A 68 9.54 -11.97 16.24
C THR A 68 8.78 -12.46 14.97
N ASP A 69 9.03 -11.82 13.83
CA ASP A 69 8.19 -12.05 12.61
C ASP A 69 8.46 -13.45 12.10
N MET A 70 7.42 -14.23 11.94
CA MET A 70 7.51 -15.56 11.34
C MET A 70 7.95 -15.52 9.86
N ASP A 71 7.57 -14.45 9.16
CA ASP A 71 7.85 -14.31 7.71
C ASP A 71 7.66 -12.83 7.31
N ASP A 72 7.90 -12.48 6.04
CA ASP A 72 7.81 -11.07 5.60
C ASP A 72 6.36 -10.52 5.65
N ALA A 73 5.39 -11.36 5.41
CA ALA A 73 3.92 -10.95 5.49
C ALA A 73 3.61 -10.50 6.96
N ALA A 74 4.14 -11.28 7.91
CA ALA A 74 4.02 -10.94 9.37
C ALA A 74 4.56 -9.57 9.71
N THR A 75 5.72 -9.17 9.16
CA THR A 75 6.20 -7.80 9.33
C THR A 75 5.17 -6.75 8.90
N ALA A 76 4.62 -6.96 7.69
CA ALA A 76 3.64 -5.97 7.16
C ALA A 76 2.37 -5.87 8.10
N LEU A 77 1.86 -6.99 8.56
CA LEU A 77 0.65 -7.03 9.42
C LEU A 77 0.92 -6.45 10.82
N ARG A 78 2.09 -6.78 11.42
CA ARG A 78 2.52 -6.15 12.70
C ARG A 78 2.57 -4.68 12.62
N GLU A 79 3.20 -4.17 11.56
CA GLU A 79 3.36 -2.77 11.38
C GLU A 79 2.01 -2.07 11.10
N ALA A 80 1.15 -2.65 10.24
CA ALA A 80 -0.17 -2.05 10.01
C ALA A 80 -1.01 -1.92 11.32
N GLN A 81 -0.89 -2.90 12.18
CA GLN A 81 -1.63 -2.90 13.50
C GLN A 81 -1.16 -1.72 14.36
N GLU A 82 0.16 -1.60 14.48
CA GLU A 82 0.78 -0.51 15.24
C GLU A 82 0.49 0.88 14.69
N GLU A 83 0.47 1.07 13.37
N GLU A 83 0.46 1.05 13.37
CA GLU A 83 0.26 2.38 12.77
CA GLU A 83 0.29 2.36 12.76
C GLU A 83 -1.18 2.85 12.74
C GLU A 83 -1.16 2.85 12.69
N VAL A 84 -2.09 1.94 12.38
CA VAL A 84 -3.53 2.30 12.13
C VAL A 84 -4.59 1.41 12.80
N GLY A 85 -4.16 0.48 13.63
CA GLY A 85 -5.06 -0.40 14.38
C GLY A 85 -5.72 -1.55 13.66
N LEU A 86 -5.22 -1.87 12.45
CA LEU A 86 -5.66 -3.04 11.72
C LEU A 86 -5.31 -4.38 12.33
N ARG A 87 -6.33 -5.14 12.69
CA ARG A 87 -6.18 -6.41 13.33
C ARG A 87 -6.16 -7.50 12.28
N HIS A 89 -7.74 -10.54 11.92
CA HIS A 89 -8.98 -11.00 11.36
C HIS A 89 -9.57 -9.97 10.36
N GLN A 90 -9.04 -8.74 10.31
CA GLN A 90 -9.56 -7.69 9.41
C GLN A 90 -8.84 -7.56 8.07
N VAL A 91 -7.86 -8.44 7.83
CA VAL A 91 -7.12 -8.42 6.56
C VAL A 91 -6.88 -9.82 5.98
N GLU A 92 -7.13 -10.01 4.67
CA GLU A 92 -6.71 -11.23 4.00
C GLU A 92 -5.56 -10.89 3.02
N VAL A 93 -4.37 -11.44 3.29
CA VAL A 93 -3.21 -11.24 2.46
C VAL A 93 -3.33 -12.16 1.23
N VAL A 94 -3.31 -11.55 0.04
CA VAL A 94 -3.69 -12.24 -1.20
C VAL A 94 -2.43 -12.59 -2.01
N CYS A 96 2.12 -11.56 -2.75
CA CYS A 96 3.38 -10.90 -2.65
C CYS A 96 3.82 -10.42 -4.05
N LEU A 97 3.93 -9.12 -4.27
CA LEU A 97 4.34 -8.56 -5.57
C LEU A 97 5.87 -8.47 -5.64
N VAL A 98 6.38 -8.06 -6.81
CA VAL A 98 7.82 -7.87 -7.01
C VAL A 98 8.45 -6.99 -5.98
N PRO A 99 9.58 -7.43 -5.42
CA PRO A 99 10.20 -6.58 -4.37
C PRO A 99 10.98 -5.43 -4.94
N CYS A 100 11.25 -4.42 -4.12
N CYS A 100 11.24 -4.40 -4.13
CA CYS A 100 11.92 -3.20 -4.50
CA CYS A 100 11.88 -3.16 -4.53
C CYS A 100 13.35 -3.22 -3.93
C CYS A 100 13.33 -3.13 -3.93
N LEU A 101 14.35 -3.03 -4.78
CA LEU A 101 15.80 -2.97 -4.34
C LEU A 101 16.23 -1.54 -4.14
N ILE A 102 16.73 -1.18 -2.97
CA ILE A 102 17.30 0.17 -2.78
C ILE A 102 18.61 0.21 -2.04
N ASP A 103 19.43 1.21 -2.36
CA ASP A 103 20.67 1.55 -1.60
C ASP A 103 21.76 0.45 -1.58
N THR A 104 21.68 -0.48 -2.51
CA THR A 104 22.57 -1.62 -2.61
C THR A 104 22.46 -2.71 -1.55
N ASP A 105 21.81 -2.46 -0.41
CA ASP A 105 21.77 -3.43 0.66
C ASP A 105 20.35 -3.69 1.29
N THR A 106 19.29 -3.20 0.63
CA THR A 106 17.95 -3.22 1.19
C THR A 106 16.94 -3.75 0.17
N LEU A 107 16.02 -4.58 0.67
CA LEU A 107 14.97 -5.23 -0.09
C LEU A 107 13.61 -5.01 0.65
N ILE A 108 12.69 -4.38 -0.05
CA ILE A 108 11.32 -4.07 0.43
C ILE A 108 10.31 -4.93 -0.30
N THR A 109 9.60 -5.79 0.46
CA THR A 109 8.67 -6.72 -0.07
C THR A 109 7.20 -6.15 0.11
N PRO A 110 6.48 -5.96 -1.01
CA PRO A 110 5.05 -5.52 -0.95
C PRO A 110 4.04 -6.67 -0.92
N PHE A 111 3.08 -6.62 0.02
CA PHE A 111 1.97 -7.55 0.06
C PHE A 111 0.63 -6.86 -0.21
N VAL A 112 -0.24 -7.47 -1.02
CA VAL A 112 -1.60 -6.85 -1.24
C VAL A 112 -2.57 -7.52 -0.31
N GLY A 113 -3.37 -6.70 0.43
CA GLY A 113 -4.31 -7.18 1.45
C GLY A 113 -5.73 -6.68 1.21
N LEU A 114 -6.75 -7.56 1.30
CA LEU A 114 -8.17 -7.12 1.19
C LEU A 114 -8.68 -6.80 2.59
N ILE A 115 -9.21 -5.59 2.76
CA ILE A 115 -9.59 -5.06 4.10
C ILE A 115 -11.10 -5.25 4.37
N ASP A 116 -11.43 -5.74 5.55
CA ASP A 116 -12.82 -5.91 6.00
C ASP A 116 -13.66 -4.65 5.93
N HIS A 117 -14.89 -4.76 5.47
CA HIS A 117 -15.76 -3.56 5.36
C HIS A 117 -16.04 -2.85 6.67
N ASN A 118 -15.92 -3.47 7.84
CA ASN A 118 -16.17 -2.72 9.09
C ASN A 118 -14.91 -2.13 9.72
N PHE A 119 -13.76 -2.15 9.01
CA PHE A 119 -12.54 -1.63 9.63
C PHE A 119 -12.67 -0.13 9.64
N GLN A 120 -12.30 0.50 10.77
CA GLN A 120 -12.17 1.98 10.80
C GLN A 120 -10.81 2.40 11.43
N ALA A 121 -10.02 3.15 10.68
CA ALA A 121 -8.64 3.44 11.10
C ALA A 121 -8.62 4.33 12.32
N GLN A 122 -7.73 3.95 13.23
CA GLN A 122 -7.37 4.69 14.42
C GLN A 122 -5.90 5.14 14.26
N PRO A 123 -5.65 6.29 13.59
CA PRO A 123 -4.27 6.70 13.40
C PRO A 123 -3.54 6.84 14.73
N ASN A 124 -2.43 6.14 14.88
CA ASN A 124 -1.47 6.35 15.96
C ASN A 124 -0.57 7.65 15.75
N PRO A 125 -0.82 8.74 16.51
CA PRO A 125 -0.17 10.00 16.22
C PRO A 125 1.38 10.04 16.37
N ALA A 126 1.97 9.13 17.12
CA ALA A 126 3.44 9.05 17.15
C ALA A 126 4.04 8.58 15.78
N GLU A 127 3.23 7.90 14.97
CA GLU A 127 3.69 7.36 13.67
C GLU A 127 3.01 7.92 12.45
N VAL A 128 1.70 8.13 12.52
N VAL A 128 1.73 8.28 12.60
CA VAL A 128 1.00 8.65 11.37
CA VAL A 128 0.87 8.56 11.50
C VAL A 128 0.14 9.83 11.75
C VAL A 128 0.13 9.87 11.80
N LYS A 129 0.33 10.87 10.97
CA LYS A 129 -0.44 12.15 11.05
C LYS A 129 -1.83 12.12 10.37
N ASP A 130 -2.02 11.26 9.38
CA ASP A 130 -3.28 11.20 8.63
C ASP A 130 -3.36 9.82 7.92
N VAL A 131 -4.59 9.42 7.63
CA VAL A 131 -4.94 8.20 6.81
C VAL A 131 -6.01 8.61 5.81
N PHE A 132 -5.90 8.22 4.54
CA PHE A 132 -6.89 8.60 3.55
C PHE A 132 -7.00 7.52 2.45
N LEU A 133 -8.09 7.56 1.70
CA LEU A 133 -8.32 6.59 0.62
C LEU A 133 -8.15 7.26 -0.69
N VAL A 134 -7.73 6.50 -1.73
CA VAL A 134 -7.75 6.99 -3.13
C VAL A 134 -8.38 5.95 -4.02
N PRO A 135 -9.34 6.34 -4.87
CA PRO A 135 -9.87 5.30 -5.73
C PRO A 135 -8.79 4.70 -6.63
N LEU A 136 -8.80 3.38 -6.79
CA LEU A 136 -7.80 2.69 -7.57
C LEU A 136 -7.73 3.25 -8.99
N ALA A 137 -8.89 3.55 -9.58
CA ALA A 137 -8.94 4.07 -10.96
C ALA A 137 -8.21 5.39 -11.18
N TYR A 138 -8.04 6.17 -10.12
CA TYR A 138 -7.29 7.42 -10.25
C TYR A 138 -5.90 7.20 -10.89
N PHE A 139 -5.28 6.08 -10.50
CA PHE A 139 -3.89 5.78 -10.91
C PHE A 139 -3.72 5.46 -12.40
N LEU A 140 -4.85 5.29 -13.12
CA LEU A 140 -4.84 5.20 -14.58
C LEU A 140 -4.85 6.55 -15.30
N HIS A 141 -5.32 7.61 -14.65
CA HIS A 141 -5.33 8.97 -15.24
C HIS A 141 -5.04 9.97 -14.12
N PRO A 142 -3.82 9.91 -13.60
CA PRO A 142 -3.47 10.77 -12.47
C PRO A 142 -3.24 12.23 -12.92
N GLN A 143 -3.27 13.14 -11.98
CA GLN A 143 -2.88 14.54 -12.19
C GLN A 143 -1.41 14.68 -11.82
N VAL A 144 -0.57 14.87 -12.85
CA VAL A 144 0.88 14.74 -12.70
C VAL A 144 1.51 16.10 -12.68
N HIS A 145 2.51 16.26 -11.83
CA HIS A 145 3.27 17.49 -11.65
C HIS A 145 4.74 17.14 -11.58
N ASP A 146 5.58 17.91 -12.27
CA ASP A 146 7.02 17.61 -12.34
C ASP A 146 7.86 18.54 -11.45
N GLN A 147 8.57 17.94 -10.48
CA GLN A 147 9.49 18.68 -9.58
C GLN A 147 10.94 18.37 -9.94
N ILE A 158 14.26 15.57 -13.71
CA ILE A 158 12.81 15.76 -13.58
C ILE A 158 12.12 14.53 -12.93
N ASN A 159 11.26 14.78 -11.95
CA ASN A 159 10.62 13.76 -11.09
C ASN A 159 9.08 13.87 -11.12
N HIS A 160 8.39 12.79 -11.47
CA HIS A 160 6.90 12.75 -11.54
C HIS A 160 6.21 12.58 -10.16
N ILE A 161 5.29 13.49 -9.86
CA ILE A 161 4.55 13.58 -8.60
C ILE A 161 3.05 13.57 -8.95
N PHE A 162 2.28 12.74 -8.25
CA PHE A 162 0.82 12.73 -8.39
C PHE A 162 0.18 13.63 -7.34
N GLU A 163 -0.79 14.47 -7.73
CA GLU A 163 -1.63 15.25 -6.76
C GLU A 163 -3.06 14.73 -6.73
N TYR A 164 -3.55 14.38 -5.56
CA TYR A 164 -4.90 13.84 -5.43
C TYR A 164 -5.62 14.74 -4.45
N THR A 165 -6.78 15.22 -4.87
CA THR A 165 -7.66 16.06 -4.05
C THR A 165 -8.91 15.29 -3.64
N ASN A 166 -9.13 15.13 -2.34
CA ASN A 166 -10.28 14.41 -1.80
C ASN A 166 -11.55 15.30 -1.94
N PRO A 167 -12.54 14.85 -2.74
CA PRO A 167 -13.74 15.73 -2.99
C PRO A 167 -14.63 15.91 -1.75
N GLU A 168 -14.46 15.06 -0.75
CA GLU A 168 -15.11 15.25 0.57
C GLU A 168 -14.76 16.59 1.27
N ASP A 169 -13.48 16.99 1.19
CA ASP A 169 -12.96 18.14 1.94
C ASP A 169 -12.02 19.09 1.21
N GLY A 170 -11.66 18.80 -0.04
CA GLY A 170 -10.71 19.64 -0.81
C GLY A 170 -9.24 19.59 -0.46
N VAL A 171 -8.87 18.69 0.45
CA VAL A 171 -7.46 18.49 0.82
C VAL A 171 -6.68 17.75 -0.30
N THR A 172 -5.51 18.32 -0.64
CA THR A 172 -4.60 17.77 -1.63
C THR A 172 -3.44 16.99 -0.94
N TYR A 173 -3.19 15.79 -1.45
CA TYR A 173 -2.05 14.97 -1.05
C TYR A 173 -1.11 14.75 -2.27
N GLN A 174 0.18 14.71 -1.99
CA GLN A 174 1.22 14.40 -2.97
C GLN A 174 1.69 12.96 -2.77
N ILE A 175 1.75 12.17 -3.84
CA ILE A 175 2.11 10.77 -3.79
C ILE A 175 3.24 10.60 -4.81
N LYS A 176 4.38 10.07 -4.36
CA LYS A 176 5.54 9.94 -5.27
C LYS A 176 6.41 8.72 -4.98
N GLY A 177 7.47 8.55 -5.80
CA GLY A 177 8.50 7.49 -5.53
C GLY A 177 7.94 6.06 -5.55
N MET A 178 8.53 5.18 -4.73
CA MET A 178 8.13 3.78 -4.67
C MET A 178 6.60 3.65 -4.45
N THR A 179 6.07 4.47 -3.54
CA THR A 179 4.64 4.42 -3.21
C THR A 179 3.81 4.65 -4.46
N ALA A 180 4.12 5.71 -5.22
CA ALA A 180 3.39 5.96 -6.47
C ALA A 180 3.57 4.84 -7.52
N ASN A 181 4.79 4.29 -7.64
N ASN A 181 4.78 4.28 -7.63
CA ASN A 181 5.06 3.18 -8.56
CA ASN A 181 5.03 3.20 -8.56
C ASN A 181 4.20 1.96 -8.26
C ASN A 181 4.20 1.95 -8.27
N LEU A 182 4.10 1.58 -6.99
CA LEU A 182 3.34 0.40 -6.56
C LEU A 182 1.83 0.59 -6.76
N ALA A 183 1.37 1.81 -6.53
CA ALA A 183 -0.07 2.09 -6.79
C ALA A 183 -0.45 1.87 -8.23
N VAL A 184 0.39 2.37 -9.15
CA VAL A 184 0.10 2.23 -10.59
C VAL A 184 0.12 0.77 -10.95
N LEU A 185 1.10 0.03 -10.42
CA LEU A 185 1.17 -1.42 -10.67
C LEU A 185 -0.13 -2.22 -10.27
N VAL A 186 -0.61 -2.03 -9.04
N VAL A 186 -0.64 -2.05 -9.04
CA VAL A 186 -1.84 -2.61 -8.56
CA VAL A 186 -1.84 -2.73 -8.65
C VAL A 186 -3.05 -2.25 -9.45
C VAL A 186 -3.08 -2.26 -9.46
N ALA A 187 -3.18 -0.98 -9.80
CA ALA A 187 -4.26 -0.46 -10.71
C ALA A 187 -4.26 -1.19 -12.08
N PHE A 188 -3.06 -1.28 -12.69
CA PHE A 188 -2.92 -2.06 -13.93
C PHE A 188 -3.38 -3.52 -13.79
N ILE A 189 -2.85 -4.22 -12.78
CA ILE A 189 -3.13 -5.64 -12.58
C ILE A 189 -4.66 -5.90 -12.49
N ILE A 190 -5.32 -5.05 -11.72
CA ILE A 190 -6.75 -5.28 -11.35
C ILE A 190 -7.73 -4.69 -12.39
N LEU A 191 -7.42 -3.55 -12.99
CA LEU A 191 -8.35 -2.82 -13.85
C LEU A 191 -8.09 -2.98 -15.38
N GLU A 192 -6.90 -3.40 -15.79
CA GLU A 192 -6.69 -3.53 -17.28
C GLU A 192 -7.72 -4.48 -17.92
N LYS A 193 -8.08 -4.20 -19.16
CA LYS A 193 -8.90 -5.15 -19.95
C LYS A 193 -10.14 -5.62 -19.26
N LYS A 194 -11.04 -4.71 -18.91
CA LYS A 194 -12.33 -5.09 -18.25
C LYS A 194 -13.53 -4.54 -19.01
N PRO A 195 -14.57 -5.38 -19.26
CA PRO A 195 -15.87 -4.86 -19.76
C PRO A 195 -16.47 -3.83 -18.78
N THR A 196 -17.25 -2.87 -19.27
CA THR A 196 -17.77 -1.80 -18.41
C THR A 196 -19.15 -2.09 -17.74
#